data_2FGW
#
_entry.id   2FGW
#
_cell.length_a   101.000
_cell.length_b   101.000
_cell.length_c   45.500
_cell.angle_alpha   90.00
_cell.angle_beta   90.00
_cell.angle_gamma   120.00
#
_symmetry.space_group_name_H-M   'P 3'
#
loop_
_entity.id
_entity.type
_entity.pdbx_description
1 polymer 'H52 FAB (LIGHT CHAIN)'
2 polymer 'H52 FAB (HEAVY CHAIN)'
#
loop_
_entity_poly.entity_id
_entity_poly.type
_entity_poly.pdbx_seq_one_letter_code
_entity_poly.pdbx_strand_id
1 'polypeptide(L)'
;DIQMTQSPSSLSASVGDRVTITCRASQDINNYLNWYQQKPGKAPKLLIYYTSTLHSGVPSRFSGSGSGTDYTLTISSLQP
EDFATYYCQQGNTLPPTFGQGTKVEIKRTVAAPSVFIFPPSDEQLKSGTASVVCLLNNFYPREAKVQWKVDNALQSGNSQ
ESVTEQDSKDSTYSLSSTLTLSKADYEKHKVYACEVTHQGLSSPVTKSFNRGEC
;
L
2 'polypeptide(L)'
;EVQLVESGGGLVQPGGSLRLSCATSGYTFTEYTMHWMRQAPGKGLEWVAGINPKNGGTSHNQRFMDRFTISVDKSTSTAY
MQMNSLRAEDTAVYYCARWRGLNYGFDVRYFDVWGQGTLVTVSSASTKGPSVFPLAPSSKSTSGGTAALGCLVKDYFPEP
VTVSWNSGALTSGVHTFPAVLQSSGLYSLSSVVTVPSSSLGTQTYICNVNHKPSNTKVDKKVEPKSCDKTHT
;
H
#
# COMPACT_ATOMS: atom_id res chain seq x y z
N ASP A 1 -3.74 -29.30 -4.31
CA ASP A 1 -2.34 -28.95 -4.57
C ASP A 1 -1.85 -28.99 -6.05
N ILE A 2 -2.57 -28.05 -6.64
CA ILE A 2 -2.52 -27.70 -8.02
C ILE A 2 -1.74 -26.43 -8.19
N GLN A 3 -0.83 -26.32 -9.15
CA GLN A 3 -0.21 -25.02 -9.39
C GLN A 3 -1.24 -24.21 -10.17
N MET A 4 -1.41 -22.92 -9.85
CA MET A 4 -2.38 -22.09 -10.54
C MET A 4 -1.54 -21.18 -11.37
N THR A 5 -1.73 -20.91 -12.66
CA THR A 5 -0.81 -20.00 -13.34
C THR A 5 -1.67 -19.00 -14.08
N GLN A 6 -1.35 -17.71 -13.94
CA GLN A 6 -2.03 -16.69 -14.68
C GLN A 6 -1.04 -16.10 -15.66
N SER A 7 -1.76 -15.83 -16.75
CA SER A 7 -1.19 -15.20 -17.89
C SER A 7 -2.11 -14.15 -18.49
N PRO A 8 -1.61 -12.95 -18.71
CA PRO A 8 -0.26 -12.58 -18.41
C PRO A 8 -0.28 -12.10 -17.01
N SER A 9 0.76 -11.51 -16.51
CA SER A 9 0.71 -11.08 -15.17
C SER A 9 1.13 -9.65 -15.01
N SER A 10 0.95 -8.91 -16.09
CA SER A 10 0.91 -7.45 -16.00
C SER A 10 0.29 -7.01 -17.30
N LEU A 11 -0.52 -6.00 -17.25
CA LEU A 11 -1.39 -5.70 -18.34
C LEU A 11 -1.70 -4.19 -18.44
N SER A 12 -1.89 -3.55 -19.62
CA SER A 12 -2.27 -2.16 -19.66
C SER A 12 -3.40 -2.07 -20.62
N ALA A 13 -4.45 -1.38 -20.29
CA ALA A 13 -5.55 -1.21 -21.19
C ALA A 13 -6.31 0.05 -20.88
N SER A 14 -6.56 0.73 -21.99
CA SER A 14 -7.40 1.88 -21.96
C SER A 14 -8.80 1.49 -21.54
N VAL A 15 -9.29 2.52 -20.90
CA VAL A 15 -10.63 2.53 -20.36
C VAL A 15 -11.57 2.17 -21.50
N GLY A 16 -12.42 1.19 -21.34
CA GLY A 16 -13.32 0.81 -22.40
C GLY A 16 -12.85 -0.42 -23.16
N ASP A 17 -11.58 -0.90 -23.05
CA ASP A 17 -11.15 -2.13 -23.75
C ASP A 17 -11.76 -3.36 -23.09
N ARG A 18 -11.71 -4.53 -23.74
CA ARG A 18 -12.03 -5.77 -23.04
C ARG A 18 -10.72 -6.28 -22.44
N VAL A 19 -10.71 -7.10 -21.40
CA VAL A 19 -9.45 -7.61 -20.87
C VAL A 19 -9.70 -9.04 -20.56
N THR A 20 -8.65 -9.84 -20.62
CA THR A 20 -8.72 -11.28 -20.46
C THR A 20 -7.47 -11.73 -19.75
N ILE A 21 -7.57 -12.14 -18.50
CA ILE A 21 -6.46 -12.71 -17.75
C ILE A 21 -6.81 -14.17 -17.85
N THR A 22 -5.90 -15.10 -18.02
CA THR A 22 -6.38 -16.46 -18.04
C THR A 22 -5.72 -17.08 -16.85
N CYS A 23 -6.23 -18.25 -16.47
CA CYS A 23 -5.73 -18.98 -15.30
C CYS A 23 -5.95 -20.45 -15.55
N ARG A 24 -4.80 -21.06 -15.39
CA ARG A 24 -4.70 -22.43 -15.69
C ARG A 24 -3.95 -23.23 -14.67
N ALA A 25 -4.80 -24.12 -14.20
CA ALA A 25 -4.53 -25.07 -13.19
C ALA A 25 -3.83 -26.31 -13.72
N SER A 26 -2.93 -26.93 -12.94
CA SER A 26 -2.19 -28.13 -13.30
C SER A 26 -3.03 -29.39 -13.32
N GLN A 27 -4.29 -29.25 -12.88
CA GLN A 27 -5.20 -30.35 -12.82
C GLN A 27 -6.62 -29.93 -12.97
N ASP A 28 -7.39 -30.94 -13.39
CA ASP A 28 -8.80 -30.78 -13.57
C ASP A 28 -9.34 -30.58 -12.16
N ILE A 29 -9.71 -29.30 -12.18
CA ILE A 29 -10.24 -28.59 -11.06
C ILE A 29 -11.75 -28.53 -11.02
N ASN A 30 -12.41 -29.09 -12.03
CA ASN A 30 -13.86 -29.28 -12.02
C ASN A 30 -14.81 -28.11 -11.91
N ASN A 31 -14.32 -26.94 -12.26
CA ASN A 31 -15.02 -25.68 -12.25
C ASN A 31 -15.01 -25.01 -10.91
N TYR A 32 -14.27 -25.55 -9.94
CA TYR A 32 -14.08 -24.87 -8.67
C TYR A 32 -12.98 -23.86 -8.87
N LEU A 33 -13.42 -22.81 -9.55
CA LEU A 33 -12.54 -21.72 -9.84
C LEU A 33 -13.13 -20.43 -9.44
N ASN A 34 -12.53 -19.74 -8.47
CA ASN A 34 -13.01 -18.44 -8.10
C ASN A 34 -11.97 -17.37 -8.40
N TRP A 35 -12.45 -16.15 -8.59
CA TRP A 35 -11.59 -15.02 -8.92
C TRP A 35 -11.68 -13.96 -7.86
N TYR A 36 -10.57 -13.54 -7.25
CA TYR A 36 -10.50 -12.48 -6.22
C TYR A 36 -10.08 -11.15 -6.81
N GLN A 37 -10.33 -9.97 -6.22
CA GLN A 37 -9.84 -8.70 -6.73
C GLN A 37 -9.19 -7.96 -5.62
N GLN A 38 -7.99 -7.45 -5.76
CA GLN A 38 -7.40 -6.81 -4.61
C GLN A 38 -6.64 -5.57 -4.98
N LYS A 39 -7.29 -4.59 -4.39
CA LYS A 39 -6.88 -3.21 -4.57
C LYS A 39 -5.66 -3.01 -3.73
N PRO A 40 -4.71 -2.10 -4.06
CA PRO A 40 -3.40 -2.04 -3.40
C PRO A 40 -3.56 -1.72 -1.93
N GLY A 41 -3.22 -2.68 -1.05
CA GLY A 41 -3.33 -2.47 0.40
C GLY A 41 -4.76 -2.63 0.93
N LYS A 42 -5.40 -3.76 0.67
CA LYS A 42 -6.77 -4.08 1.10
C LYS A 42 -6.94 -5.60 1.21
N ALA A 43 -8.01 -6.19 1.77
CA ALA A 43 -8.07 -7.65 1.64
C ALA A 43 -8.61 -7.93 0.24
N PRO A 44 -8.40 -9.11 -0.35
CA PRO A 44 -8.99 -9.43 -1.63
C PRO A 44 -10.50 -9.49 -1.49
N LYS A 45 -11.26 -9.24 -2.60
CA LYS A 45 -12.72 -9.33 -2.66
C LYS A 45 -13.15 -10.42 -3.64
N LEU A 46 -14.25 -11.16 -3.46
CA LEU A 46 -14.56 -12.34 -4.26
C LEU A 46 -15.39 -11.77 -5.35
N LEU A 47 -15.01 -11.95 -6.61
CA LEU A 47 -15.81 -11.44 -7.70
C LEU A 47 -16.69 -12.55 -8.16
N ILE A 48 -16.06 -13.62 -8.64
CA ILE A 48 -16.73 -14.71 -9.33
C ILE A 48 -16.37 -15.94 -8.56
N TYR A 49 -17.31 -16.86 -8.42
CA TYR A 49 -17.01 -18.13 -7.83
C TYR A 49 -17.77 -19.14 -8.62
N TYR A 50 -17.12 -20.31 -8.63
CA TYR A 50 -17.52 -21.49 -9.36
C TYR A 50 -17.60 -21.13 -10.83
N THR A 51 -16.36 -20.98 -11.36
CA THR A 51 -16.03 -20.55 -12.70
C THR A 51 -16.74 -19.32 -13.14
N SER A 52 -18.06 -19.31 -13.30
CA SER A 52 -18.80 -18.18 -13.84
C SER A 52 -19.91 -17.48 -13.01
N THR A 53 -19.92 -17.60 -11.68
CA THR A 53 -21.06 -17.03 -10.99
C THR A 53 -20.67 -15.72 -10.34
N LEU A 54 -21.53 -14.72 -10.29
CA LEU A 54 -21.07 -13.47 -9.70
C LEU A 54 -21.44 -13.32 -8.24
N HIS A 55 -20.53 -12.73 -7.48
CA HIS A 55 -20.75 -12.39 -6.08
C HIS A 55 -21.65 -11.18 -6.10
N SER A 56 -22.30 -10.96 -4.96
CA SER A 56 -23.26 -9.87 -4.81
C SER A 56 -22.62 -8.50 -4.95
N GLY A 57 -23.17 -7.71 -5.89
CA GLY A 57 -22.66 -6.38 -6.17
C GLY A 57 -21.44 -6.33 -7.09
N VAL A 58 -21.04 -7.46 -7.69
CA VAL A 58 -19.88 -7.47 -8.58
C VAL A 58 -20.41 -7.21 -9.99
N PRO A 59 -20.02 -6.11 -10.63
CA PRO A 59 -20.63 -5.62 -11.85
C PRO A 59 -20.51 -6.50 -13.07
N SER A 60 -21.62 -6.49 -13.76
CA SER A 60 -21.81 -7.17 -15.01
C SER A 60 -20.68 -7.22 -16.02
N ARG A 61 -19.76 -6.27 -16.08
CA ARG A 61 -18.76 -6.41 -17.11
C ARG A 61 -17.73 -7.48 -16.78
N PHE A 62 -17.69 -7.97 -15.54
CA PHE A 62 -16.84 -9.08 -15.19
C PHE A 62 -17.51 -10.41 -15.53
N SER A 63 -16.88 -11.41 -16.19
CA SER A 63 -17.47 -12.77 -16.32
C SER A 63 -16.40 -13.83 -16.31
N GLY A 64 -16.77 -15.08 -15.97
CA GLY A 64 -15.80 -16.16 -15.87
C GLY A 64 -16.16 -17.26 -16.83
N SER A 65 -15.18 -18.05 -17.30
CA SER A 65 -15.37 -19.13 -18.31
C SER A 65 -14.40 -20.28 -18.05
N GLY A 66 -14.55 -21.34 -18.83
CA GLY A 66 -13.60 -22.43 -18.71
C GLY A 66 -14.14 -23.71 -18.09
N SER A 67 -13.20 -24.67 -18.05
CA SER A 67 -13.42 -26.01 -17.57
C SER A 67 -12.07 -26.72 -17.55
N GLY A 68 -11.90 -27.77 -16.71
CA GLY A 68 -10.71 -28.61 -16.80
C GLY A 68 -9.56 -27.92 -16.22
N THR A 69 -8.56 -27.67 -17.06
CA THR A 69 -7.45 -26.96 -16.48
C THR A 69 -7.45 -25.49 -16.93
N ASP A 70 -8.36 -25.07 -17.81
CA ASP A 70 -8.32 -23.70 -18.31
C ASP A 70 -9.53 -22.83 -18.06
N TYR A 71 -9.22 -21.63 -17.53
CA TYR A 71 -10.30 -20.71 -17.19
C TYR A 71 -9.94 -19.27 -17.53
N THR A 72 -10.95 -18.40 -17.70
CA THR A 72 -10.64 -17.02 -18.08
C THR A 72 -11.47 -15.96 -17.35
N LEU A 73 -10.85 -14.80 -17.09
CA LEU A 73 -11.57 -13.63 -16.59
C LEU A 73 -11.55 -12.61 -17.73
N THR A 74 -12.73 -12.02 -17.88
CA THR A 74 -12.93 -11.09 -18.94
C THR A 74 -13.60 -9.86 -18.38
N ILE A 75 -12.94 -8.68 -18.42
CA ILE A 75 -13.65 -7.46 -18.07
C ILE A 75 -13.96 -6.92 -19.43
N SER A 76 -15.24 -6.78 -19.75
CA SER A 76 -15.58 -6.31 -21.07
C SER A 76 -15.50 -4.80 -21.37
N SER A 77 -15.45 -3.97 -20.35
CA SER A 77 -15.17 -2.58 -20.61
C SER A 77 -14.15 -2.23 -19.55
N LEU A 78 -12.89 -1.80 -19.74
CA LEU A 78 -12.19 -1.39 -18.55
C LEU A 78 -12.83 -0.10 -18.03
N GLN A 79 -12.95 0.02 -16.71
CA GLN A 79 -13.38 1.24 -16.02
C GLN A 79 -12.21 1.54 -15.11
N PRO A 80 -11.90 2.78 -14.78
CA PRO A 80 -10.64 3.16 -14.20
C PRO A 80 -10.49 2.50 -12.86
N GLU A 81 -11.63 2.14 -12.25
CA GLU A 81 -11.56 1.53 -10.95
C GLU A 81 -11.49 0.00 -10.93
N ASP A 82 -10.99 -0.54 -12.04
CA ASP A 82 -10.71 -1.94 -12.11
C ASP A 82 -9.22 -2.11 -12.00
N PHE A 83 -8.59 -1.06 -11.46
CA PHE A 83 -7.16 -1.04 -11.23
C PHE A 83 -7.01 -1.89 -10.01
N ALA A 84 -6.43 -3.08 -10.18
CA ALA A 84 -6.26 -4.03 -9.11
C ALA A 84 -5.29 -5.09 -9.53
N THR A 85 -4.99 -6.05 -8.63
CA THR A 85 -4.31 -7.28 -9.04
C THR A 85 -5.43 -8.33 -8.95
N TYR A 86 -5.69 -9.27 -9.89
CA TYR A 86 -6.77 -10.26 -9.78
C TYR A 86 -6.08 -11.59 -9.59
N TYR A 87 -6.64 -12.47 -8.73
CA TYR A 87 -6.10 -13.80 -8.45
C TYR A 87 -7.10 -14.87 -8.72
N CYS A 88 -6.65 -15.98 -9.26
CA CYS A 88 -7.51 -17.12 -9.41
C CYS A 88 -7.19 -18.10 -8.31
N GLN A 89 -8.20 -18.75 -7.78
CA GLN A 89 -8.01 -19.78 -6.77
C GLN A 89 -8.73 -21.09 -7.14
N GLN A 90 -8.06 -22.23 -7.02
CA GLN A 90 -8.74 -23.48 -7.22
C GLN A 90 -9.39 -23.86 -5.86
N GLY A 91 -10.60 -24.41 -5.90
CA GLY A 91 -11.24 -24.84 -4.69
C GLY A 91 -11.50 -26.33 -4.72
N ASN A 92 -10.70 -27.06 -5.46
CA ASN A 92 -10.92 -28.47 -5.65
C ASN A 92 -10.20 -29.39 -4.64
N THR A 93 -8.94 -29.11 -4.31
CA THR A 93 -8.09 -29.98 -3.51
C THR A 93 -7.42 -29.16 -2.43
N LEU A 94 -7.21 -29.79 -1.26
CA LEU A 94 -6.50 -29.12 -0.19
C LEU A 94 -5.04 -29.22 -0.56
N PRO A 95 -4.18 -28.29 -0.23
CA PRO A 95 -4.50 -26.93 0.12
C PRO A 95 -5.17 -26.15 -1.01
N PRO A 96 -5.98 -25.12 -0.77
CA PRO A 96 -6.48 -24.23 -1.78
C PRO A 96 -5.26 -23.47 -2.34
N THR A 97 -5.09 -23.37 -3.67
CA THR A 97 -3.98 -22.60 -4.24
C THR A 97 -4.40 -21.39 -5.10
N PHE A 98 -3.51 -20.40 -5.20
CA PHE A 98 -3.75 -19.17 -5.91
C PHE A 98 -2.73 -18.96 -7.03
N GLY A 99 -3.07 -18.14 -8.00
CA GLY A 99 -2.09 -17.71 -8.95
C GLY A 99 -1.29 -16.53 -8.41
N GLN A 100 -0.26 -16.14 -9.19
CA GLN A 100 0.62 -15.06 -8.85
C GLN A 100 0.00 -13.69 -8.98
N GLY A 101 -1.22 -13.61 -9.50
CA GLY A 101 -1.95 -12.38 -9.65
C GLY A 101 -1.67 -11.72 -10.98
N THR A 102 -2.58 -10.96 -11.58
CA THR A 102 -2.25 -10.23 -12.78
C THR A 102 -2.42 -8.81 -12.36
N LYS A 103 -1.51 -7.92 -12.83
CA LYS A 103 -1.59 -6.46 -12.57
C LYS A 103 -2.30 -5.66 -13.64
N VAL A 104 -3.55 -5.18 -13.54
CA VAL A 104 -4.16 -4.47 -14.65
C VAL A 104 -3.90 -2.99 -14.49
N GLU A 105 -3.16 -2.36 -15.38
CA GLU A 105 -2.99 -0.93 -15.34
C GLU A 105 -3.86 -0.30 -16.40
N ILE A 106 -4.38 0.91 -16.17
CA ILE A 106 -5.33 1.61 -17.04
C ILE A 106 -4.54 2.59 -17.85
N LYS A 107 -4.47 2.38 -19.15
CA LYS A 107 -3.69 3.24 -20.03
C LYS A 107 -4.56 4.41 -20.37
N ARG A 108 -4.13 5.63 -20.12
CA ARG A 108 -4.93 6.80 -20.44
C ARG A 108 -4.00 7.83 -21.09
N THR A 109 -4.66 8.92 -21.51
CA THR A 109 -4.08 10.11 -22.15
C THR A 109 -3.19 10.95 -21.22
N VAL A 110 -1.95 11.24 -21.65
CA VAL A 110 -0.96 12.07 -20.94
C VAL A 110 -1.44 13.23 -20.09
N ALA A 111 -1.05 13.18 -18.86
CA ALA A 111 -1.32 14.21 -17.91
C ALA A 111 0.06 14.75 -17.62
N ALA A 112 0.19 16.06 -17.48
CA ALA A 112 1.50 16.58 -17.18
C ALA A 112 1.58 16.89 -15.70
N PRO A 113 2.69 16.68 -15.02
CA PRO A 113 2.81 16.92 -13.62
C PRO A 113 2.73 18.36 -13.14
N SER A 114 2.24 18.53 -11.89
CA SER A 114 2.24 19.79 -11.15
C SER A 114 3.41 19.71 -10.20
N VAL A 115 4.53 20.41 -10.42
CA VAL A 115 5.72 20.30 -9.57
C VAL A 115 5.56 21.22 -8.36
N PHE A 116 5.96 20.82 -7.12
CA PHE A 116 5.95 21.66 -5.93
C PHE A 116 7.23 21.41 -5.16
N ILE A 117 7.98 22.36 -4.58
CA ILE A 117 9.18 22.06 -3.78
C ILE A 117 8.94 22.47 -2.32
N PHE A 118 9.44 21.76 -1.31
CA PHE A 118 9.22 22.11 0.08
C PHE A 118 10.59 22.36 0.63
N PRO A 119 11.05 23.50 1.21
CA PRO A 119 12.29 23.66 1.95
C PRO A 119 12.30 22.90 3.27
N PRO A 120 13.46 22.65 3.87
CA PRO A 120 13.52 21.91 5.10
C PRO A 120 13.15 22.68 6.36
N SER A 121 12.12 22.09 6.98
CA SER A 121 11.52 22.44 8.28
C SER A 121 12.50 22.97 9.35
N ASP A 122 12.32 24.12 10.04
CA ASP A 122 13.37 24.55 11.00
C ASP A 122 13.68 23.60 12.16
N GLU A 123 12.65 22.80 12.48
CA GLU A 123 12.69 21.72 13.44
C GLU A 123 13.64 20.63 13.03
N GLN A 124 13.42 20.09 11.82
CA GLN A 124 14.33 19.06 11.32
C GLN A 124 15.74 19.61 11.25
N LEU A 125 16.05 20.79 10.70
CA LEU A 125 17.41 21.31 10.72
C LEU A 125 18.06 21.38 12.12
N LYS A 126 17.21 21.58 13.14
CA LYS A 126 17.63 21.45 14.52
C LYS A 126 18.12 20.01 14.79
N SER A 127 17.45 18.94 14.34
CA SER A 127 17.94 17.56 14.48
C SER A 127 19.18 17.18 13.64
N GLY A 128 19.99 18.13 13.15
CA GLY A 128 21.18 17.84 12.37
C GLY A 128 20.95 17.40 10.91
N THR A 129 19.76 17.46 10.29
CA THR A 129 19.58 17.10 8.88
C THR A 129 18.62 18.01 8.09
N ALA A 130 18.58 17.84 6.75
CA ALA A 130 17.63 18.56 5.94
C ALA A 130 17.08 17.61 4.89
N SER A 131 15.77 17.72 4.63
CA SER A 131 15.10 16.98 3.61
C SER A 131 14.20 17.91 2.84
N VAL A 132 14.84 18.17 1.70
CA VAL A 132 14.33 19.02 0.62
C VAL A 132 13.48 18.07 -0.16
N VAL A 133 12.23 18.38 -0.40
CA VAL A 133 11.31 17.48 -1.08
C VAL A 133 10.70 18.02 -2.37
N CYS A 134 10.74 17.41 -3.58
CA CYS A 134 9.96 17.90 -4.71
C CYS A 134 8.75 16.97 -4.87
N LEU A 135 7.53 17.40 -5.17
CA LEU A 135 6.35 16.58 -5.40
C LEU A 135 5.96 16.83 -6.83
N LEU A 136 5.97 15.77 -7.62
CA LEU A 136 5.47 15.83 -8.97
C LEU A 136 4.09 15.33 -8.77
N ASN A 137 3.06 16.06 -9.09
CA ASN A 137 1.73 15.60 -8.75
C ASN A 137 0.75 15.51 -9.88
N ASN A 138 0.05 14.42 -9.76
CA ASN A 138 -1.01 14.03 -10.68
C ASN A 138 -0.76 14.12 -12.16
N PHE A 139 0.27 13.34 -12.53
CA PHE A 139 0.71 13.17 -13.92
C PHE A 139 0.42 11.79 -14.49
N TYR A 140 0.74 11.54 -15.74
CA TYR A 140 0.65 10.22 -16.36
C TYR A 140 1.51 10.35 -17.61
N PRO A 141 2.38 9.46 -18.11
CA PRO A 141 2.84 8.16 -17.60
C PRO A 141 3.79 8.10 -16.41
N ARG A 142 3.99 6.95 -15.74
CA ARG A 142 4.84 6.84 -14.58
C ARG A 142 6.26 7.32 -14.81
N GLU A 143 6.70 7.36 -16.09
CA GLU A 143 8.03 7.87 -16.53
C GLU A 143 8.24 9.41 -16.58
N ALA A 144 9.10 9.94 -15.70
CA ALA A 144 9.36 11.37 -15.65
C ALA A 144 10.68 11.58 -14.93
N LYS A 145 11.66 12.32 -15.50
CA LYS A 145 12.97 12.49 -14.88
C LYS A 145 12.92 13.58 -13.82
N VAL A 146 13.70 13.41 -12.75
CA VAL A 146 13.82 14.42 -11.70
C VAL A 146 15.28 14.58 -11.37
N GLN A 147 15.80 15.78 -11.22
CA GLN A 147 17.20 15.93 -10.83
C GLN A 147 17.28 17.16 -9.99
N TRP A 148 18.27 17.05 -9.11
CA TRP A 148 18.50 18.09 -8.15
C TRP A 148 19.81 18.73 -8.40
N LYS A 149 19.63 20.03 -8.57
CA LYS A 149 20.72 20.98 -8.73
C LYS A 149 20.70 21.85 -7.49
N VAL A 150 21.86 21.88 -6.82
CA VAL A 150 22.12 22.61 -5.59
C VAL A 150 23.13 23.62 -6.07
N ASP A 151 22.67 24.84 -6.30
CA ASP A 151 23.48 25.91 -6.87
C ASP A 151 23.98 25.61 -8.27
N ASN A 152 22.98 25.24 -9.11
CA ASN A 152 23.16 24.95 -10.54
C ASN A 152 24.23 23.88 -10.72
N ALA A 153 24.03 22.76 -10.07
CA ALA A 153 25.05 21.75 -10.00
C ALA A 153 24.38 20.44 -9.64
N LEU A 154 24.34 19.54 -10.62
CA LEU A 154 23.76 18.25 -10.37
C LEU A 154 24.36 17.51 -9.21
N GLN A 155 23.38 17.00 -8.48
CA GLN A 155 23.62 16.21 -7.28
C GLN A 155 23.54 14.73 -7.60
N SER A 156 24.20 13.94 -6.76
CA SER A 156 24.12 12.49 -6.93
C SER A 156 24.02 11.61 -5.68
N GLY A 157 23.07 10.70 -6.01
CA GLY A 157 22.64 9.58 -5.20
C GLY A 157 22.50 10.00 -3.78
N ASN A 158 21.68 11.00 -3.57
CA ASN A 158 21.44 11.50 -2.24
C ASN A 158 20.00 12.00 -2.26
N SER A 159 19.18 11.29 -3.07
CA SER A 159 17.78 11.53 -3.24
C SER A 159 17.08 10.20 -3.53
N GLN A 160 16.12 9.85 -2.68
CA GLN A 160 15.36 8.65 -2.95
C GLN A 160 14.05 9.17 -3.50
N GLU A 161 13.23 8.30 -4.06
CA GLU A 161 12.04 8.75 -4.76
C GLU A 161 10.96 7.74 -4.49
N SER A 162 9.69 8.12 -4.38
CA SER A 162 8.65 7.17 -4.11
C SER A 162 7.49 7.51 -4.98
N VAL A 163 6.79 6.50 -5.49
CA VAL A 163 5.69 6.68 -6.41
C VAL A 163 4.41 6.09 -5.84
N THR A 164 3.24 6.69 -6.10
CA THR A 164 1.97 6.15 -5.67
C THR A 164 1.46 5.13 -6.66
N GLU A 165 0.40 4.40 -6.34
CA GLU A 165 -0.20 3.51 -7.31
C GLU A 165 -1.17 4.34 -8.11
N GLN A 166 -1.65 3.71 -9.15
CA GLN A 166 -2.52 4.44 -10.03
C GLN A 166 -3.81 4.82 -9.31
N ASP A 167 -4.26 6.05 -9.52
CA ASP A 167 -5.49 6.56 -8.94
C ASP A 167 -6.74 5.96 -9.51
N SER A 168 -7.57 5.58 -8.57
CA SER A 168 -8.81 4.90 -8.90
C SER A 168 -9.68 5.72 -9.81
N LYS A 169 -9.88 6.99 -9.51
CA LYS A 169 -10.83 7.72 -10.29
C LYS A 169 -10.27 8.33 -11.54
N ASP A 170 -8.96 8.55 -11.70
CA ASP A 170 -8.48 9.14 -12.94
C ASP A 170 -7.06 8.73 -13.38
N SER A 171 -6.82 7.47 -13.12
CA SER A 171 -5.67 6.74 -13.58
C SER A 171 -4.37 7.47 -13.57
N THR A 172 -4.03 8.41 -12.70
CA THR A 172 -2.73 9.07 -12.77
C THR A 172 -1.83 8.71 -11.59
N TYR A 173 -0.59 9.21 -11.61
CA TYR A 173 0.44 8.99 -10.60
C TYR A 173 0.79 10.24 -9.84
N SER A 174 1.71 10.04 -8.86
CA SER A 174 2.31 11.08 -8.03
C SER A 174 3.65 10.58 -7.51
N LEU A 175 4.71 11.39 -7.41
CA LEU A 175 6.04 10.93 -7.07
C LEU A 175 6.67 11.91 -6.10
N SER A 176 7.20 11.48 -4.95
CA SER A 176 7.96 12.34 -4.10
C SER A 176 9.39 12.09 -4.55
N SER A 177 10.31 13.03 -4.45
CA SER A 177 11.73 12.77 -4.61
C SER A 177 12.32 13.49 -3.43
N THR A 178 13.09 12.94 -2.51
CA THR A 178 13.53 13.69 -1.35
C THR A 178 15.03 13.79 -1.35
N LEU A 179 15.62 14.99 -1.49
CA LEU A 179 17.04 15.16 -1.37
C LEU A 179 17.22 15.37 0.09
N THR A 180 18.27 14.77 0.54
CA THR A 180 18.56 14.79 1.94
C THR A 180 20.05 14.83 2.22
N LEU A 181 20.43 15.92 2.83
CA LEU A 181 21.80 16.16 3.21
C LEU A 181 21.85 16.89 4.56
N SER A 182 23.00 16.81 5.26
CA SER A 182 23.11 17.40 6.59
C SER A 182 22.97 18.89 6.63
N LYS A 183 22.64 19.31 7.86
CA LYS A 183 22.46 20.69 8.20
C LYS A 183 23.71 21.42 7.74
N ALA A 184 24.90 21.02 8.17
CA ALA A 184 26.13 21.64 7.70
C ALA A 184 26.22 21.86 6.19
N ASP A 185 25.93 20.85 5.35
CA ASP A 185 26.02 21.06 3.92
C ASP A 185 24.84 21.75 3.28
N TYR A 186 23.68 21.78 3.94
CA TYR A 186 22.54 22.54 3.46
C TYR A 186 22.90 24.02 3.62
N GLU A 187 23.34 24.36 4.83
CA GLU A 187 23.81 25.68 5.25
C GLU A 187 25.00 26.14 4.43
N LYS A 188 25.58 25.38 3.48
CA LYS A 188 26.64 25.97 2.73
C LYS A 188 26.36 26.01 1.27
N HIS A 189 25.12 26.34 0.92
CA HIS A 189 24.67 26.39 -0.48
C HIS A 189 23.39 27.21 -0.56
N LYS A 190 23.09 27.87 -1.66
CA LYS A 190 22.04 28.81 -1.62
C LYS A 190 20.79 28.45 -2.37
N VAL A 191 20.82 28.34 -3.70
CA VAL A 191 19.67 27.92 -4.49
C VAL A 191 19.56 26.40 -4.54
N TYR A 192 18.33 25.89 -4.43
CA TYR A 192 18.03 24.47 -4.37
C TYR A 192 17.03 24.19 -5.48
N ALA A 193 17.27 23.23 -6.39
CA ALA A 193 16.33 23.11 -7.49
C ALA A 193 16.05 21.74 -8.01
N CYS A 194 14.80 21.64 -8.41
CA CYS A 194 14.20 20.39 -8.79
C CYS A 194 13.76 20.43 -10.28
N GLU A 195 14.23 19.48 -11.16
CA GLU A 195 13.99 19.59 -12.58
C GLU A 195 13.23 18.45 -13.30
N VAL A 196 11.98 18.70 -13.58
CA VAL A 196 11.16 17.68 -14.11
C VAL A 196 10.97 17.75 -15.58
N THR A 197 11.01 16.52 -16.04
CA THR A 197 10.96 16.30 -17.46
C THR A 197 9.99 15.17 -17.65
N HIS A 198 8.98 15.34 -18.49
CA HIS A 198 7.95 14.33 -18.71
C HIS A 198 7.41 14.49 -20.14
N GLN A 199 6.55 13.57 -20.59
CA GLN A 199 6.09 13.57 -21.95
C GLN A 199 5.20 14.73 -22.28
N GLY A 200 4.21 14.95 -21.43
CA GLY A 200 3.23 16.01 -21.70
C GLY A 200 3.73 17.36 -21.23
N LEU A 201 5.02 17.64 -21.04
CA LEU A 201 5.49 18.92 -20.54
C LEU A 201 6.35 19.36 -21.68
N SER A 202 6.04 20.41 -22.49
CA SER A 202 6.91 20.84 -23.63
C SER A 202 8.36 21.21 -23.34
N SER A 203 8.67 21.51 -22.07
CA SER A 203 10.03 21.79 -21.63
C SER A 203 10.14 21.51 -20.13
N PRO A 204 11.23 20.92 -19.64
CA PRO A 204 11.57 20.81 -18.23
C PRO A 204 11.11 21.88 -17.31
N VAL A 205 10.37 21.51 -16.29
CA VAL A 205 10.01 22.42 -15.21
C VAL A 205 11.11 22.46 -14.15
N THR A 206 11.54 23.66 -13.74
CA THR A 206 12.44 23.84 -12.61
C THR A 206 11.60 24.58 -11.59
N LYS A 207 11.68 24.04 -10.35
CA LYS A 207 11.00 24.60 -9.20
C LYS A 207 12.09 24.74 -8.19
N SER A 208 12.29 25.94 -7.68
CA SER A 208 13.45 26.19 -6.83
C SER A 208 13.25 27.18 -5.69
N PHE A 209 14.23 27.26 -4.75
CA PHE A 209 14.23 28.24 -3.66
C PHE A 209 15.64 28.60 -3.11
N ASN A 210 15.72 29.71 -2.38
CA ASN A 210 16.95 30.15 -1.78
C ASN A 210 17.03 29.74 -0.32
N ARG A 211 18.24 29.84 0.14
CA ARG A 211 18.64 29.76 1.51
C ARG A 211 18.80 28.42 2.13
N GLY A 212 20.12 28.20 2.21
CA GLY A 212 20.83 27.28 3.07
C GLY A 212 21.47 28.28 4.04
N GLU A 213 20.41 28.71 4.77
CA GLU A 213 20.26 29.72 5.84
C GLU A 213 18.82 29.36 6.29
N CYS A 214 18.60 28.31 7.12
CA CYS A 214 17.23 27.92 7.48
C CYS A 214 16.98 27.34 8.91
N GLU B 1 -23.67 -7.67 9.48
CA GLU B 1 -22.35 -7.26 9.00
C GLU B 1 -21.21 -7.96 9.77
N VAL B 2 -20.43 -8.65 8.94
CA VAL B 2 -19.37 -9.50 9.40
C VAL B 2 -18.15 -8.64 9.70
N GLN B 3 -17.40 -8.83 10.79
CA GLN B 3 -16.14 -8.10 10.97
C GLN B 3 -15.03 -9.11 11.10
N LEU B 4 -13.97 -9.20 10.32
CA LEU B 4 -12.92 -10.06 10.75
C LEU B 4 -11.80 -9.09 11.03
N VAL B 5 -11.39 -8.92 12.26
CA VAL B 5 -10.30 -8.03 12.55
C VAL B 5 -9.11 -8.83 13.07
N GLU B 6 -7.92 -8.78 12.54
CA GLU B 6 -6.84 -9.58 13.12
C GLU B 6 -5.85 -8.70 13.85
N SER B 7 -5.04 -9.20 14.79
CA SER B 7 -4.06 -8.35 15.48
C SER B 7 -2.89 -9.15 16.05
N GLY B 8 -1.99 -8.63 16.88
CA GLY B 8 -0.85 -9.42 17.33
C GLY B 8 0.44 -9.21 16.52
N GLY B 9 0.27 -8.85 15.24
CA GLY B 9 1.43 -8.63 14.40
C GLY B 9 2.28 -7.48 14.91
N GLY B 10 3.58 -7.49 14.55
CA GLY B 10 4.49 -6.42 14.93
C GLY B 10 5.92 -6.82 14.63
N LEU B 11 6.97 -6.40 15.37
CA LEU B 11 8.34 -6.83 15.12
C LEU B 11 8.56 -8.10 15.93
N VAL B 12 9.42 -9.03 15.44
CA VAL B 12 9.76 -10.26 16.16
C VAL B 12 11.23 -10.46 15.86
N GLN B 13 12.14 -10.72 16.80
CA GLN B 13 13.52 -11.00 16.41
C GLN B 13 13.46 -12.38 15.80
N PRO B 14 14.36 -12.83 14.93
CA PRO B 14 14.28 -14.18 14.34
C PRO B 14 14.39 -15.15 15.49
N GLY B 15 13.69 -16.28 15.50
CA GLY B 15 13.71 -17.17 16.63
C GLY B 15 12.51 -16.99 17.57
N GLY B 16 11.82 -15.86 17.58
CA GLY B 16 10.71 -15.67 18.49
C GLY B 16 9.39 -16.22 17.96
N SER B 17 8.38 -16.16 18.85
CA SER B 17 7.05 -16.63 18.56
C SER B 17 6.19 -15.41 18.54
N LEU B 18 5.00 -15.62 17.93
CA LEU B 18 3.97 -14.62 17.86
C LEU B 18 2.56 -15.24 18.00
N ARG B 19 1.50 -14.51 18.34
CA ARG B 19 0.18 -15.10 18.36
C ARG B 19 -0.81 -14.09 17.81
N LEU B 20 -1.35 -14.49 16.68
CA LEU B 20 -2.23 -13.59 16.04
C LEU B 20 -3.60 -14.03 16.43
N SER B 21 -4.48 -13.05 16.57
CA SER B 21 -5.88 -13.37 16.80
C SER B 21 -6.67 -12.85 15.62
N CYS B 22 -7.89 -13.29 15.45
CA CYS B 22 -8.69 -12.85 14.34
C CYS B 22 -10.01 -12.82 15.05
N ALA B 23 -10.53 -11.62 15.22
CA ALA B 23 -11.73 -11.47 15.95
C ALA B 23 -12.95 -11.32 15.04
N THR B 24 -14.04 -12.00 15.40
CA THR B 24 -15.27 -12.11 14.65
C THR B 24 -16.50 -11.37 15.25
N SER B 25 -17.30 -10.76 14.34
CA SER B 25 -18.61 -10.13 14.61
C SER B 25 -19.62 -10.35 13.49
N GLY B 26 -20.91 -10.29 13.83
CA GLY B 26 -21.98 -10.32 12.84
C GLY B 26 -22.43 -11.64 12.24
N TYR B 27 -22.03 -12.82 12.75
CA TYR B 27 -22.49 -14.11 12.24
C TYR B 27 -22.30 -15.22 13.29
N THR B 28 -22.93 -16.40 13.15
CA THR B 28 -22.79 -17.46 14.16
C THR B 28 -21.54 -18.22 13.76
N PHE B 29 -20.58 -18.10 14.70
CA PHE B 29 -19.17 -18.50 14.57
C PHE B 29 -18.92 -19.88 14.04
N THR B 30 -19.61 -20.72 14.80
CA THR B 30 -19.74 -22.14 14.69
C THR B 30 -20.19 -22.68 13.35
N GLU B 31 -20.80 -21.80 12.54
CA GLU B 31 -21.31 -22.17 11.25
C GLU B 31 -20.34 -22.14 10.05
N TYR B 32 -19.26 -21.38 10.20
CA TYR B 32 -18.31 -21.24 9.14
C TYR B 32 -16.95 -21.56 9.73
N THR B 33 -16.11 -21.89 8.73
CA THR B 33 -14.71 -22.29 8.89
C THR B 33 -13.79 -21.08 8.79
N MET B 34 -12.72 -21.11 9.55
CA MET B 34 -11.82 -20.01 9.56
C MET B 34 -10.48 -20.52 9.04
N HIS B 35 -9.81 -19.64 8.32
CA HIS B 35 -8.59 -19.95 7.63
C HIS B 35 -7.71 -18.77 7.72
N TRP B 36 -6.41 -18.96 7.95
CA TRP B 36 -5.45 -17.87 7.93
C TRP B 36 -4.70 -17.87 6.61
N MET B 37 -4.72 -16.74 5.88
CA MET B 37 -3.82 -16.48 4.75
C MET B 37 -2.65 -15.60 5.15
N ARG B 38 -1.69 -15.64 4.24
CA ARG B 38 -0.44 -14.90 4.35
C ARG B 38 -0.15 -14.36 2.95
N GLN B 39 0.36 -13.13 2.87
CA GLN B 39 0.79 -12.59 1.61
C GLN B 39 2.14 -11.92 1.78
N ALA B 40 3.23 -12.49 1.24
CA ALA B 40 4.52 -11.82 1.45
C ALA B 40 4.73 -10.54 0.59
N PRO B 41 5.36 -9.40 1.01
CA PRO B 41 5.06 -8.06 0.47
C PRO B 41 5.45 -7.95 -1.00
N GLY B 42 4.40 -7.75 -1.82
CA GLY B 42 4.54 -7.72 -3.28
C GLY B 42 4.70 -9.15 -3.80
N LYS B 43 3.66 -9.99 -3.62
CA LYS B 43 3.66 -11.40 -3.97
C LYS B 43 2.29 -12.09 -3.95
N GLY B 44 2.25 -13.42 -3.97
CA GLY B 44 0.98 -14.13 -4.04
C GLY B 44 0.42 -14.37 -2.67
N LEU B 45 -0.87 -14.73 -2.74
CA LEU B 45 -1.58 -15.11 -1.52
C LEU B 45 -1.26 -16.58 -1.19
N GLU B 46 -0.94 -16.99 0.06
CA GLU B 46 -0.59 -18.36 0.42
C GLU B 46 -1.62 -18.88 1.37
N TRP B 47 -1.97 -20.16 1.53
CA TRP B 47 -2.89 -20.50 2.59
C TRP B 47 -2.07 -20.95 3.76
N VAL B 48 -2.52 -20.98 5.04
CA VAL B 48 -1.65 -21.42 6.14
C VAL B 48 -2.28 -22.46 7.04
N ALA B 49 -3.54 -22.36 7.46
CA ALA B 49 -4.28 -23.44 8.11
C ALA B 49 -5.73 -23.08 8.30
N GLY B 50 -6.55 -24.07 8.72
CA GLY B 50 -8.03 -23.95 8.77
C GLY B 50 -8.58 -24.64 10.00
N ILE B 51 -9.73 -24.20 10.59
CA ILE B 51 -10.33 -24.86 11.77
C ILE B 51 -11.81 -24.93 11.62
N ASN B 52 -12.51 -25.96 12.02
CA ASN B 52 -13.94 -25.84 12.05
C ASN B 52 -14.34 -25.57 13.50
N PRO B 53 -14.89 -24.41 13.86
CA PRO B 53 -15.51 -24.15 15.17
C PRO B 53 -16.29 -25.31 15.79
N LYS B 54 -17.34 -25.73 15.10
CA LYS B 54 -18.06 -26.94 15.43
C LYS B 54 -17.29 -28.20 15.83
N ASN B 55 -16.08 -28.62 15.41
CA ASN B 55 -15.50 -29.83 16.02
C ASN B 55 -13.98 -29.82 16.17
N GLY B 56 -13.51 -28.57 16.07
CA GLY B 56 -12.12 -28.24 16.23
C GLY B 56 -11.28 -29.02 15.27
N GLY B 57 -11.90 -29.34 14.12
CA GLY B 57 -11.19 -29.97 13.01
C GLY B 57 -10.12 -29.04 12.43
N THR B 58 -8.92 -29.55 12.13
CA THR B 58 -7.89 -28.66 11.68
C THR B 58 -7.01 -29.12 10.52
N SER B 59 -6.97 -28.36 9.41
CA SER B 59 -6.10 -28.65 8.27
C SER B 59 -4.94 -27.67 8.43
N HIS B 60 -3.72 -28.07 8.04
CA HIS B 60 -2.56 -27.19 8.17
C HIS B 60 -1.66 -27.21 6.97
N ASN B 61 -1.37 -26.15 6.20
CA ASN B 61 -0.46 -26.25 5.04
C ASN B 61 0.90 -26.77 5.43
N GLN B 62 1.16 -27.99 5.06
CA GLN B 62 2.41 -28.68 5.29
C GLN B 62 3.75 -27.96 5.32
N ARG B 63 3.97 -26.84 4.68
CA ARG B 63 5.26 -26.16 4.76
C ARG B 63 5.46 -25.37 6.03
N PHE B 64 4.27 -25.09 6.54
CA PHE B 64 4.03 -24.38 7.77
C PHE B 64 3.62 -25.32 8.90
N MET B 65 3.10 -26.49 8.57
CA MET B 65 2.52 -27.36 9.58
C MET B 65 3.46 -27.80 10.69
N ASP B 66 4.75 -27.64 10.49
CA ASP B 66 5.71 -27.88 11.52
C ASP B 66 5.65 -26.75 12.55
N ARG B 67 5.75 -25.48 12.09
CA ARG B 67 5.92 -24.32 12.94
C ARG B 67 4.73 -23.49 13.34
N PHE B 68 3.66 -23.46 12.58
CA PHE B 68 2.49 -22.64 12.83
C PHE B 68 1.31 -23.46 13.32
N THR B 69 0.46 -23.09 14.32
CA THR B 69 -0.60 -23.96 14.83
C THR B 69 -1.86 -23.11 14.95
N ILE B 70 -3.05 -23.64 14.80
CA ILE B 70 -4.27 -22.85 14.90
C ILE B 70 -5.22 -23.20 16.09
N SER B 71 -5.96 -22.24 16.67
CA SER B 71 -6.80 -22.47 17.83
C SER B 71 -7.93 -21.55 17.52
N VAL B 72 -9.05 -21.87 18.13
CA VAL B 72 -10.28 -21.10 18.07
C VAL B 72 -10.64 -20.94 19.52
N ASP B 73 -11.36 -19.89 19.90
CA ASP B 73 -11.80 -19.79 21.27
C ASP B 73 -13.26 -19.60 21.02
N LYS B 74 -13.97 -20.71 21.13
CA LYS B 74 -15.36 -20.74 20.72
C LYS B 74 -16.16 -19.68 21.39
N SER B 75 -15.88 -19.40 22.67
CA SER B 75 -16.68 -18.41 23.34
C SER B 75 -16.40 -17.02 22.81
N THR B 76 -15.12 -16.70 22.72
CA THR B 76 -14.82 -15.35 22.32
C THR B 76 -14.83 -15.00 20.84
N SER B 77 -15.13 -16.02 20.01
CA SER B 77 -15.21 -15.96 18.56
C SER B 77 -13.91 -15.41 17.99
N THR B 78 -12.83 -16.09 18.36
CA THR B 78 -11.57 -15.59 17.95
C THR B 78 -10.82 -16.78 17.42
N ALA B 79 -10.24 -16.58 16.24
CA ALA B 79 -9.36 -17.55 15.65
C ALA B 79 -8.01 -17.05 16.08
N TYR B 80 -7.05 -17.93 16.18
CA TYR B 80 -5.72 -17.58 16.59
C TYR B 80 -4.74 -18.31 15.73
N MET B 81 -3.55 -17.78 15.60
CA MET B 81 -2.54 -18.61 15.07
C MET B 81 -1.25 -18.35 15.80
N GLN B 82 -0.72 -19.45 16.35
CA GLN B 82 0.55 -19.46 17.02
C GLN B 82 1.56 -19.65 15.93
N MET B 83 2.59 -18.80 15.97
CA MET B 83 3.70 -18.77 15.05
C MET B 83 5.02 -19.08 15.75
N ASN B 84 5.77 -20.08 15.34
CA ASN B 84 6.97 -20.41 16.07
C ASN B 84 8.18 -20.47 15.14
N SER B 85 9.30 -20.05 15.74
CA SER B 85 10.58 -20.06 15.07
C SER B 85 10.57 -19.34 13.73
N LEU B 86 10.15 -18.08 13.89
CA LEU B 86 10.02 -17.16 12.79
C LEU B 86 11.37 -16.83 12.15
N ARG B 87 11.42 -17.22 10.91
CA ARG B 87 12.56 -16.85 10.11
C ARG B 87 12.04 -15.65 9.30
N ALA B 88 12.95 -14.81 8.77
CA ALA B 88 12.59 -13.59 8.02
C ALA B 88 11.82 -13.75 6.73
N GLU B 89 11.88 -14.94 6.18
CA GLU B 89 11.02 -15.26 5.08
C GLU B 89 9.55 -15.07 5.52
N ASP B 90 9.16 -15.20 6.81
CA ASP B 90 7.74 -15.14 7.17
C ASP B 90 7.26 -13.74 7.46
N THR B 91 8.12 -12.74 7.19
CA THR B 91 7.68 -11.35 7.18
C THR B 91 6.57 -11.32 6.11
N ALA B 92 5.36 -10.81 6.43
CA ALA B 92 4.23 -10.80 5.51
C ALA B 92 3.00 -10.27 6.20
N VAL B 93 1.94 -10.07 5.44
CA VAL B 93 0.70 -9.65 5.98
C VAL B 93 -0.08 -10.93 6.21
N TYR B 94 -0.84 -11.08 7.28
CA TYR B 94 -1.59 -12.29 7.50
C TYR B 94 -2.99 -11.77 7.59
N TYR B 95 -3.81 -12.52 6.86
CA TYR B 95 -5.23 -12.30 6.75
C TYR B 95 -5.89 -13.49 7.36
N CYS B 96 -7.06 -13.34 8.01
CA CYS B 96 -7.88 -14.50 8.28
C CYS B 96 -8.97 -14.34 7.23
N ALA B 97 -9.73 -15.42 6.90
CA ALA B 97 -10.80 -15.41 5.95
C ALA B 97 -11.74 -16.51 6.32
N ARG B 98 -12.98 -16.31 6.00
CA ARG B 98 -14.05 -17.20 6.33
C ARG B 98 -14.55 -18.01 5.14
N TRP B 99 -15.11 -19.17 5.49
CA TRP B 99 -15.78 -20.18 4.66
C TRP B 99 -14.84 -21.17 4.03
N ARG B 100 -15.40 -22.29 3.59
CA ARG B 100 -14.67 -23.42 2.98
C ARG B 100 -13.55 -23.08 1.98
N ARG B 109 -16.98 -23.46 -1.74
CA ARG B 109 -15.53 -23.62 -1.86
C ARG B 109 -14.93 -22.29 -2.37
N TYR B 110 -14.81 -21.32 -1.41
CA TYR B 110 -14.38 -19.92 -1.61
C TYR B 110 -14.49 -19.06 -0.36
N PHE B 111 -13.54 -18.14 -0.13
CA PHE B 111 -13.58 -17.22 1.03
C PHE B 111 -14.32 -15.88 0.77
N ASP B 112 -15.54 -15.75 1.30
CA ASP B 112 -16.38 -14.63 0.98
C ASP B 112 -16.17 -13.30 1.67
N VAL B 113 -15.83 -13.41 2.97
CA VAL B 113 -15.44 -12.28 3.83
C VAL B 113 -13.99 -12.51 4.28
N TRP B 114 -13.14 -11.50 4.10
CA TRP B 114 -11.75 -11.63 4.48
C TRP B 114 -11.51 -10.54 5.49
N GLY B 115 -10.35 -10.62 6.09
CA GLY B 115 -9.92 -9.70 7.12
C GLY B 115 -9.44 -8.38 6.53
N GLN B 116 -8.48 -7.82 7.24
CA GLN B 116 -7.97 -6.51 6.97
C GLN B 116 -6.44 -6.59 6.93
N GLY B 117 -5.90 -7.58 7.66
CA GLY B 117 -4.47 -7.88 7.70
C GLY B 117 -3.77 -7.40 8.95
N THR B 118 -2.60 -8.00 9.19
CA THR B 118 -1.77 -7.62 10.29
C THR B 118 -0.40 -7.92 9.76
N LEU B 119 0.66 -7.15 9.86
CA LEU B 119 1.94 -7.43 9.24
C LEU B 119 2.90 -8.03 10.28
N VAL B 120 3.52 -9.13 10.03
CA VAL B 120 4.50 -9.59 10.96
C VAL B 120 5.79 -9.33 10.24
N THR B 121 6.66 -8.55 10.88
CA THR B 121 7.95 -8.28 10.33
C THR B 121 8.98 -8.80 11.32
N VAL B 122 9.81 -9.74 10.83
CA VAL B 122 10.85 -10.42 11.57
C VAL B 122 12.18 -9.80 11.22
N SER B 123 12.73 -8.98 12.08
CA SER B 123 13.97 -8.33 11.75
C SER B 123 14.68 -8.15 13.04
N SER B 124 15.96 -8.34 12.98
CA SER B 124 16.85 -8.21 14.15
C SER B 124 16.99 -6.78 14.74
N ALA B 125 16.40 -5.86 13.97
CA ALA B 125 16.33 -4.45 14.26
C ALA B 125 15.62 -4.05 15.55
N SER B 126 15.57 -2.79 15.98
CA SER B 126 14.74 -2.43 17.12
C SER B 126 13.48 -1.78 16.62
N THR B 127 12.58 -1.21 17.46
CA THR B 127 11.45 -0.48 16.92
C THR B 127 11.79 0.96 17.22
N LYS B 128 11.39 1.91 16.37
CA LYS B 128 11.61 3.32 16.64
C LYS B 128 10.34 4.00 16.29
N GLY B 129 10.06 5.03 17.09
CA GLY B 129 8.95 5.89 16.83
C GLY B 129 9.44 6.92 15.82
N PRO B 130 8.55 7.52 15.00
CA PRO B 130 8.90 8.46 13.95
C PRO B 130 8.94 9.88 14.42
N SER B 131 9.55 10.74 13.63
CA SER B 131 9.67 12.13 13.95
C SER B 131 8.95 12.84 12.81
N VAL B 132 7.66 13.22 12.96
CA VAL B 132 6.84 13.93 11.97
C VAL B 132 7.31 15.36 11.79
N PHE B 133 7.51 15.86 10.58
CA PHE B 133 8.02 17.21 10.30
C PHE B 133 7.16 17.99 9.32
N PRO B 134 7.02 19.29 9.24
CA PRO B 134 6.08 19.96 8.34
C PRO B 134 6.52 20.10 6.90
N LEU B 135 5.70 19.87 5.87
CA LEU B 135 6.11 20.18 4.51
C LEU B 135 5.25 21.38 4.19
N ALA B 136 5.83 22.47 4.72
CA ALA B 136 5.24 23.78 4.88
C ALA B 136 4.96 24.50 3.60
N PRO B 137 3.66 24.79 3.38
CA PRO B 137 3.14 25.44 2.16
C PRO B 137 3.72 26.82 1.78
N SER B 138 4.79 26.69 1.01
CA SER B 138 5.58 27.81 0.53
C SER B 138 4.82 28.76 -0.37
N SER B 139 5.16 30.03 -0.13
CA SER B 139 4.63 31.23 -0.77
C SER B 139 3.53 31.17 -1.82
N LYS B 140 2.40 31.79 -1.46
CA LYS B 140 1.23 31.91 -2.32
C LYS B 140 1.56 32.94 -3.40
N SER B 141 2.23 32.38 -4.40
CA SER B 141 2.76 33.07 -5.57
C SER B 141 3.12 31.91 -6.49
N THR B 142 4.03 31.07 -5.97
CA THR B 142 4.51 29.85 -6.60
C THR B 142 3.34 28.88 -6.54
N SER B 143 2.74 28.76 -5.34
CA SER B 143 1.53 28.01 -5.12
C SER B 143 0.41 28.99 -5.46
N GLY B 144 -0.10 28.90 -6.69
CA GLY B 144 -1.15 29.82 -7.16
C GLY B 144 -2.26 29.08 -7.92
N GLY B 145 -3.41 29.01 -7.20
CA GLY B 145 -4.63 28.28 -7.61
C GLY B 145 -4.84 27.14 -6.63
N THR B 146 -3.80 26.28 -6.52
CA THR B 146 -3.74 25.21 -5.53
C THR B 146 -2.33 25.14 -4.97
N ALA B 147 -2.31 25.04 -3.62
CA ALA B 147 -1.10 24.91 -2.81
C ALA B 147 -1.10 23.51 -2.27
N ALA B 148 0.07 23.11 -1.80
CA ALA B 148 0.18 21.75 -1.36
C ALA B 148 1.11 21.67 -0.21
N LEU B 149 0.65 21.17 0.91
CA LEU B 149 1.44 21.13 2.11
C LEU B 149 1.44 19.68 2.53
N GLY B 150 2.31 19.18 3.42
CA GLY B 150 2.15 17.79 3.86
C GLY B 150 2.96 17.49 5.09
N CYS B 151 3.21 16.22 5.52
CA CYS B 151 4.06 15.90 6.65
C CYS B 151 5.03 14.83 6.29
N LEU B 152 6.26 15.05 6.70
CA LEU B 152 7.33 14.11 6.44
C LEU B 152 7.42 13.33 7.70
N VAL B 153 7.08 12.04 7.61
CA VAL B 153 7.04 11.13 8.75
C VAL B 153 8.39 10.49 8.75
N LYS B 154 9.39 10.93 9.49
CA LYS B 154 10.71 10.32 9.46
C LYS B 154 11.19 9.28 10.48
N ASP B 155 12.06 8.42 9.98
CA ASP B 155 12.80 7.54 10.81
C ASP B 155 12.28 6.45 11.65
N TYR B 156 11.20 5.86 11.22
CA TYR B 156 10.64 4.78 11.97
C TYR B 156 11.12 3.41 11.55
N PHE B 157 10.73 2.43 12.33
CA PHE B 157 10.83 1.00 12.05
C PHE B 157 9.92 0.30 13.09
N PRO B 158 9.16 -0.82 12.98
CA PRO B 158 8.76 -1.50 11.75
C PRO B 158 7.72 -0.71 10.98
N GLU B 159 7.13 -1.25 9.93
CA GLU B 159 6.01 -0.55 9.36
C GLU B 159 4.72 -1.03 10.02
N PRO B 160 3.52 -0.46 9.95
CA PRO B 160 3.15 0.88 9.45
C PRO B 160 2.99 2.16 10.24
N VAL B 161 2.83 3.19 9.41
CA VAL B 161 2.50 4.54 9.77
C VAL B 161 1.18 4.88 9.07
N THR B 162 0.13 5.15 9.82
CA THR B 162 -1.12 5.62 9.20
C THR B 162 -0.98 7.11 9.13
N VAL B 163 -1.53 7.84 8.14
CA VAL B 163 -1.55 9.29 8.24
C VAL B 163 -2.94 9.77 7.80
N SER B 164 -3.39 10.81 8.56
CA SER B 164 -4.66 11.43 8.30
C SER B 164 -4.58 12.91 8.39
N TRP B 165 -5.44 13.47 7.54
CA TRP B 165 -5.58 14.91 7.63
C TRP B 165 -6.97 15.11 8.21
N ASN B 166 -6.79 16.08 9.13
CA ASN B 166 -7.83 16.70 9.91
C ASN B 166 -8.83 15.79 10.54
N SER B 167 -8.20 14.87 11.28
CA SER B 167 -8.88 13.85 12.04
C SER B 167 -9.84 13.00 11.22
N GLY B 168 -9.48 12.79 9.95
CA GLY B 168 -10.21 11.96 9.00
C GLY B 168 -11.21 12.73 8.17
N ALA B 169 -11.24 14.06 8.22
CA ALA B 169 -12.23 14.83 7.48
C ALA B 169 -11.66 15.39 6.19
N LEU B 170 -10.33 15.47 6.07
CA LEU B 170 -9.67 15.78 4.80
C LEU B 170 -9.14 14.39 4.34
N THR B 171 -9.81 14.06 3.23
CA THR B 171 -9.73 12.77 2.60
C THR B 171 -9.44 12.83 1.09
N SER B 172 -9.71 13.99 0.51
CA SER B 172 -9.56 14.25 -0.91
C SER B 172 -8.29 15.03 -1.16
N GLY B 173 -7.47 14.73 -2.18
CA GLY B 173 -6.25 15.48 -2.43
C GLY B 173 -5.06 14.96 -1.62
N VAL B 174 -5.25 13.95 -0.77
CA VAL B 174 -4.22 13.38 0.12
C VAL B 174 -3.38 12.37 -0.64
N HIS B 175 -2.06 12.28 -0.49
CA HIS B 175 -1.29 11.28 -1.19
C HIS B 175 -0.38 10.83 -0.14
N THR B 176 -0.55 9.62 0.30
CA THR B 176 0.45 9.10 1.18
C THR B 176 1.23 8.13 0.34
N PHE B 177 2.46 8.52 0.14
CA PHE B 177 3.41 7.74 -0.61
C PHE B 177 3.81 6.47 0.14
N PRO B 178 4.21 5.41 -0.58
CA PRO B 178 5.01 4.32 -0.06
C PRO B 178 6.15 4.74 0.80
N ALA B 179 6.49 3.96 1.78
CA ALA B 179 7.62 4.33 2.57
C ALA B 179 8.92 3.82 1.91
N VAL B 180 10.01 4.53 2.09
CA VAL B 180 11.28 4.15 1.51
C VAL B 180 12.05 3.54 2.64
N LEU B 181 12.57 2.33 2.62
CA LEU B 181 13.58 1.95 3.65
C LEU B 181 14.72 2.93 3.32
N GLN B 182 15.22 3.76 4.22
CA GLN B 182 16.31 4.64 3.83
C GLN B 182 17.61 3.92 4.16
N SER B 183 18.72 4.62 3.93
CA SER B 183 20.08 4.14 4.21
C SER B 183 20.23 3.54 5.61
N SER B 184 19.72 4.38 6.53
CA SER B 184 19.48 4.21 7.94
C SER B 184 19.13 2.78 8.41
N GLY B 185 18.33 2.03 7.64
CA GLY B 185 17.71 0.85 8.18
C GLY B 185 16.29 1.34 8.42
N LEU B 186 16.15 2.52 9.03
CA LEU B 186 14.87 3.18 9.24
C LEU B 186 14.21 3.68 7.98
N TYR B 187 12.87 3.70 7.98
CA TYR B 187 12.03 4.25 6.92
C TYR B 187 11.74 5.74 6.98
N SER B 188 11.12 6.25 5.94
CA SER B 188 10.74 7.63 5.88
C SER B 188 9.53 7.65 4.99
N LEU B 189 8.45 8.40 5.17
CA LEU B 189 7.23 8.34 4.34
C LEU B 189 6.74 9.77 4.09
N SER B 190 5.67 10.03 3.33
CA SER B 190 5.14 11.39 3.23
C SER B 190 3.72 11.40 2.80
N SER B 191 3.00 12.26 3.50
CA SER B 191 1.62 12.43 3.14
C SER B 191 1.51 13.88 2.72
N VAL B 192 0.83 14.12 1.61
CA VAL B 192 0.63 15.47 1.15
C VAL B 192 -0.78 15.67 0.61
N VAL B 193 -1.34 16.87 0.81
CA VAL B 193 -2.66 17.22 0.28
C VAL B 193 -2.58 18.53 -0.53
N THR B 194 -3.62 18.74 -1.34
CA THR B 194 -3.68 19.90 -2.19
C THR B 194 -5.08 20.43 -1.99
N VAL B 195 -4.83 21.55 -1.31
CA VAL B 195 -5.85 22.43 -0.81
C VAL B 195 -5.89 23.65 -1.72
N PRO B 196 -6.97 24.45 -1.84
CA PRO B 196 -6.96 25.81 -2.35
C PRO B 196 -6.13 26.75 -1.50
N SER B 197 -5.31 27.45 -2.29
CA SER B 197 -4.39 28.49 -1.83
C SER B 197 -5.14 29.47 -0.93
N SER B 198 -6.34 29.79 -1.45
CA SER B 198 -7.32 30.71 -0.87
C SER B 198 -7.63 30.41 0.60
N SER B 199 -7.57 29.13 0.93
CA SER B 199 -7.97 28.70 2.23
C SER B 199 -6.92 28.75 3.29
N LEU B 200 -5.66 29.03 2.95
CA LEU B 200 -4.59 29.04 3.94
C LEU B 200 -4.83 29.90 5.19
N GLY B 201 -5.36 31.14 5.17
CA GLY B 201 -5.58 32.00 6.38
C GLY B 201 -7.07 32.08 6.82
N THR B 202 -7.67 30.91 6.62
CA THR B 202 -9.07 30.68 6.88
C THR B 202 -9.10 29.27 7.44
N GLN B 203 -8.00 28.48 7.44
CA GLN B 203 -7.96 27.17 8.09
C GLN B 203 -6.61 26.51 8.21
N THR B 204 -6.55 25.80 9.35
CA THR B 204 -5.40 25.05 9.85
C THR B 204 -5.46 23.65 9.29
N TYR B 205 -4.29 23.15 8.95
CA TYR B 205 -4.22 21.84 8.38
C TYR B 205 -3.44 20.95 9.31
N ILE B 206 -4.03 19.85 9.75
CA ILE B 206 -3.35 18.94 10.66
C ILE B 206 -3.20 17.45 10.25
N CYS B 207 -1.92 17.04 10.19
CA CYS B 207 -1.66 15.66 9.89
C CYS B 207 -1.61 14.89 11.18
N ASN B 208 -2.21 13.70 11.23
CA ASN B 208 -2.29 12.90 12.43
C ASN B 208 -1.51 11.63 12.21
N VAL B 209 -0.31 11.49 12.70
CA VAL B 209 0.46 10.29 12.51
C VAL B 209 0.35 9.25 13.62
N ASN B 210 -0.17 8.07 13.33
CA ASN B 210 -0.08 6.98 14.30
C ASN B 210 0.85 5.82 13.90
N HIS B 211 2.01 5.68 14.52
CA HIS B 211 2.79 4.49 14.28
C HIS B 211 2.78 3.63 15.54
N LYS B 212 1.82 2.70 15.36
CA LYS B 212 1.42 1.67 16.33
C LYS B 212 2.46 0.70 16.90
N PRO B 213 3.44 0.07 16.26
CA PRO B 213 4.57 -0.61 16.90
C PRO B 213 5.37 0.13 17.97
N SER B 214 5.13 1.42 18.20
CA SER B 214 5.74 2.16 19.29
C SER B 214 4.68 3.07 19.93
N ASN B 215 3.41 2.76 19.57
CA ASN B 215 2.19 3.55 19.75
C ASN B 215 2.48 5.03 20.00
N THR B 216 2.98 5.55 18.86
CA THR B 216 3.37 6.92 18.75
C THR B 216 2.25 7.49 17.99
N LYS B 217 1.67 8.49 18.59
CA LYS B 217 0.67 9.29 17.90
C LYS B 217 1.25 10.66 17.98
N VAL B 218 1.01 11.42 16.87
CA VAL B 218 1.33 12.84 16.84
C VAL B 218 0.44 13.55 15.84
N ASP B 219 -0.13 14.64 16.30
CA ASP B 219 -0.92 15.48 15.44
C ASP B 219 -0.02 16.67 15.19
N LYS B 220 0.15 17.12 13.94
CA LYS B 220 1.01 18.25 13.65
C LYS B 220 0.32 19.24 12.78
N LYS B 221 0.67 20.46 13.09
CA LYS B 221 0.13 21.56 12.35
C LYS B 221 1.10 21.93 11.25
N VAL B 222 0.53 21.99 10.03
CA VAL B 222 1.31 22.40 8.89
C VAL B 222 0.76 23.78 8.51
N GLU B 223 1.57 24.76 8.89
CA GLU B 223 1.28 26.16 8.66
C GLU B 223 2.27 26.77 7.64
N PRO B 224 1.76 27.70 6.82
CA PRO B 224 2.46 28.67 6.00
C PRO B 224 3.91 29.12 5.92
N LYS B 225 4.27 29.43 4.65
CA LYS B 225 5.55 29.96 4.15
C LYS B 225 6.69 28.92 4.23
N SER B 226 7.94 29.09 4.79
CA SER B 226 9.07 28.11 4.87
C SER B 226 10.52 28.59 5.28
N CYS B 227 11.51 28.67 4.36
CA CYS B 227 12.90 28.94 4.65
C CYS B 227 13.23 30.30 5.24
N ASP B 228 14.18 30.28 6.21
CA ASP B 228 14.76 31.45 6.89
C ASP B 228 15.62 31.03 8.11
#